data_3C28
#
_entry.id   3C28
#
_cell.length_a   108.254
_cell.length_b   122.453
_cell.length_c   178.991
_cell.angle_alpha   90.000
_cell.angle_beta   90.000
_cell.angle_gamma   90.000
#
_symmetry.space_group_name_H-M   'C 2 2 21'
#
loop_
_entity.id
_entity.type
_entity.pdbx_description
1 polymer 'LoxP DNA, chain C'
2 polymer 'LoxP DNA, chain D'
3 polymer 'Recombinase cre'
4 water water
#
loop_
_entity_poly.entity_id
_entity_poly.type
_entity_poly.pdbx_seq_one_letter_code
_entity_poly.pdbx_strand_id
1 'polydeoxyribonucleotide'
;(DA)(DT)(DA)(DA)(DC)(DT)(DT)(DC)(DG)(DT)(DA)(DT)(DA)(DA)(DT)(DG)(DT)(DA)(DT)(DG)
(DC)(DT)(DA)(DT)(DA)(DC)(DG)(DA)(DA)(DG)(DT)(DT)(DA)(DT)
;
C
2 'polydeoxyribonucleotide'
;(DA)(DT)(DA)(DA)(DC)(DT)(DT)(DC)(DG)(DT)(DA)(DT)(DA)(DG)(DC)(DA)(DT)(DA)(DC)(DA)
(DT)(DT)(DA)(DT)(DA)(DC)(DG)(DA)(DA)(DG)(DT)(DT)(DA)(DT)
;
D
3 'polypeptide(L)'
;SDEVRKNLMDMFRDRQAFSEHTWKMLLSVCRSWAAWCKLNNRKWFPAEPEDVRDYLLYLQARGLAVKTIQQHLGQLNMLH
RRSGLPRPSDSNAVSLVMRRIRKENVDAGERAKQALAFERTDFDQVRSLMENSDRCQDIRNLAFLGIAYNTLLRIAEIAR
IRVKDISRTDGGRMLIHIGRTKTLVSTAGVEKALSLGVTKLVERWISVSGVADDPNNYLFCRVRKNGVAAPSATSQLSTR
ALEGIFEATHRLIYGAKDDSGQRYLAWSGHSARVGAARDMARAGVSIPEIMQAGGWTNVNIVMNYIRNLDSETGAMVRLL
ED
;
A,B
#
loop_
_chem_comp.id
_chem_comp.type
_chem_comp.name
_chem_comp.formula
DA DNA linking 2'-DEOXYADENOSINE-5'-MONOPHOSPHATE 'C10 H14 N5 O6 P'
DC DNA linking 2'-DEOXYCYTIDINE-5'-MONOPHOSPHATE 'C9 H14 N3 O7 P'
DG DNA linking 2'-DEOXYGUANOSINE-5'-MONOPHOSPHATE 'C10 H14 N5 O7 P'
DT DNA linking THYMIDINE-5'-MONOPHOSPHATE 'C10 H15 N2 O8 P'
#
# COMPACT_ATOMS: atom_id res chain seq x y z
N SER C 1 10.47 -33.09 -18.66
CA SER C 1 10.77 -33.52 -17.27
C SER C 1 12.02 -32.86 -16.68
N ASP C 2 13.01 -32.56 -17.51
CA ASP C 2 14.13 -31.73 -17.06
C ASP C 2 13.69 -30.30 -16.87
N GLU C 3 12.80 -29.80 -17.72
CA GLU C 3 12.30 -28.44 -17.50
C GLU C 3 11.43 -28.33 -16.22
N VAL C 4 10.79 -29.42 -15.78
CA VAL C 4 10.12 -29.40 -14.46
C VAL C 4 11.13 -29.60 -13.32
N ARG C 5 12.19 -30.34 -13.56
CA ARG C 5 13.23 -30.52 -12.54
C ARG C 5 13.87 -29.15 -12.24
N LYS C 6 14.25 -28.43 -13.29
CA LYS C 6 14.76 -27.08 -13.14
C LYS C 6 13.74 -26.16 -12.41
N ASN C 7 12.50 -26.16 -12.89
CA ASN C 7 11.47 -25.32 -12.28
C ASN C 7 11.27 -25.62 -10.78
N LEU C 8 11.26 -26.89 -10.41
CA LEU C 8 11.20 -27.25 -9.00
C LEU C 8 12.46 -26.83 -8.23
N MET C 9 13.63 -26.88 -8.87
CA MET C 9 14.87 -26.34 -8.26
C MET C 9 14.79 -24.82 -8.11
N ASP C 10 14.22 -24.14 -9.11
CA ASP C 10 13.93 -22.70 -9.04
C ASP C 10 13.08 -22.40 -7.81
N MET C 11 12.04 -23.22 -7.59
CA MET C 11 11.18 -23.08 -6.43
C MET C 11 11.94 -23.22 -5.12
N PHE C 12 12.75 -24.25 -5.00
CA PHE C 12 13.43 -24.50 -3.73
C PHE C 12 14.50 -23.47 -3.48
N ARG C 13 15.23 -23.07 -4.52
CA ARG C 13 16.28 -22.08 -4.36
C ARG C 13 15.74 -20.72 -3.87
N ASP C 14 14.66 -20.24 -4.48
CA ASP C 14 14.03 -18.98 -4.08
C ASP C 14 12.76 -19.17 -3.24
N ARG C 15 12.78 -20.13 -2.33
CA ARG C 15 11.62 -20.40 -1.46
C ARG C 15 11.16 -19.18 -0.69
N GLN C 16 12.09 -18.34 -0.26
CA GLN C 16 11.72 -17.08 0.40
C GLN C 16 10.86 -16.13 -0.44
N ALA C 17 10.55 -16.52 -1.68
CA ALA C 17 9.58 -15.79 -2.49
C ALA C 17 8.17 -15.89 -1.91
N PHE C 18 7.93 -16.89 -1.05
CA PHE C 18 6.62 -17.09 -0.41
C PHE C 18 6.80 -17.25 1.10
N SER C 19 5.84 -16.71 1.87
CA SER C 19 5.78 -16.90 3.32
C SER C 19 5.74 -18.36 3.69
N GLU C 20 6.22 -18.69 4.89
CA GLU C 20 6.15 -20.05 5.39
C GLU C 20 4.69 -20.52 5.54
N HIS C 21 3.79 -19.60 5.86
CA HIS C 21 2.34 -19.92 5.92
C HIS C 21 1.80 -20.38 4.58
N THR C 22 2.23 -19.74 3.50
CA THR C 22 1.89 -20.17 2.15
C THR C 22 2.38 -21.60 1.92
N TRP C 23 3.65 -21.86 2.26
CA TRP C 23 4.24 -23.21 2.07
C TRP C 23 3.50 -24.31 2.82
N LYS C 24 3.18 -24.07 4.08
CA LYS C 24 2.39 -25.04 4.84
C LYS C 24 1.08 -25.38 4.13
N MET C 25 0.36 -24.34 3.70
CA MET C 25 -0.88 -24.59 2.96
C MET C 25 -0.61 -25.39 1.68
N LEU C 26 0.33 -24.96 0.86
CA LEU C 26 0.71 -25.76 -0.33
C LEU C 26 0.97 -27.21 0.03
N LEU C 27 1.78 -27.43 1.07
CA LEU C 27 2.13 -28.79 1.49
C LEU C 27 0.88 -29.55 1.94
N SER C 28 0.08 -28.90 2.76
CA SER C 28 -1.17 -29.51 3.23
C SER C 28 -2.08 -29.92 2.07
N VAL C 29 -2.23 -29.05 1.07
CA VAL C 29 -3.09 -29.41 -0.06
C VAL C 29 -2.51 -30.56 -0.86
N CYS C 30 -1.19 -30.59 -1.02
CA CYS C 30 -0.54 -31.66 -1.77
C CYS C 30 -0.69 -33.01 -1.10
N ARG C 31 -0.50 -33.06 0.22
CA ARG C 31 -0.69 -34.33 0.94
C ARG C 31 -2.08 -34.85 0.71
N SER C 32 -3.08 -34.02 1.00
CA SER C 32 -4.48 -34.38 0.82
C SER C 32 -4.76 -34.92 -0.58
N TRP C 33 -4.29 -34.18 -1.59
CA TRP C 33 -4.55 -34.53 -2.99
C TRP C 33 -3.81 -35.79 -3.42
N ALA C 34 -2.61 -36.00 -2.88
CA ALA C 34 -1.85 -37.24 -3.15
C ALA C 34 -2.52 -38.46 -2.50
N ALA C 35 -2.92 -38.28 -1.23
CA ALA C 35 -3.63 -39.34 -0.50
C ALA C 35 -4.85 -39.80 -1.29
N TRP C 36 -5.65 -38.83 -1.74
CA TRP C 36 -6.82 -39.12 -2.53
C TRP C 36 -6.44 -39.87 -3.79
N CYS C 37 -5.38 -39.40 -4.46
CA CYS C 37 -5.00 -39.99 -5.74
C CYS C 37 -4.68 -41.48 -5.62
N LYS C 38 -4.01 -41.84 -4.52
CA LYS C 38 -3.60 -43.23 -4.26
C LYS C 38 -4.82 -44.06 -3.96
N LEU C 39 -5.62 -43.59 -3.01
CA LEU C 39 -6.89 -44.22 -2.67
C LEU C 39 -7.70 -44.55 -3.92
N ASN C 40 -7.70 -43.62 -4.88
CA ASN C 40 -8.53 -43.74 -6.07
C ASN C 40 -7.79 -44.15 -7.35
N ASN C 41 -6.52 -44.57 -7.22
CA ASN C 41 -5.73 -45.06 -8.35
C ASN C 41 -5.51 -44.02 -9.45
N ARG C 42 -5.08 -42.82 -9.07
CA ARG C 42 -4.78 -41.76 -10.04
C ARG C 42 -3.37 -41.21 -9.81
N LYS C 43 -2.76 -40.65 -10.85
CA LYS C 43 -1.43 -40.06 -10.74
C LYS C 43 -1.55 -38.63 -10.28
N TRP C 44 -0.87 -38.30 -9.18
CA TRP C 44 -1.03 -36.99 -8.56
C TRP C 44 -0.22 -35.89 -9.26
N PHE C 45 0.72 -36.26 -10.12
CA PHE C 45 1.58 -35.28 -10.76
C PHE C 45 2.09 -35.79 -12.10
N PRO C 46 1.83 -35.06 -13.20
CA PRO C 46 1.01 -33.88 -13.32
C PRO C 46 -0.47 -34.18 -13.15
N ALA C 47 -1.17 -33.32 -12.43
CA ALA C 47 -2.63 -33.43 -12.23
C ALA C 47 -3.37 -33.35 -13.54
N GLU C 48 -4.07 -34.43 -13.90
CA GLU C 48 -4.95 -34.41 -15.07
C GLU C 48 -6.33 -33.83 -14.68
N PRO C 49 -6.96 -33.04 -15.58
CA PRO C 49 -8.23 -32.36 -15.30
C PRO C 49 -9.38 -33.19 -14.73
N GLU C 50 -9.63 -34.35 -15.32
CA GLU C 50 -10.73 -35.22 -14.85
C GLU C 50 -10.53 -35.68 -13.41
N ASP C 51 -9.28 -35.82 -12.99
CA ASP C 51 -8.98 -36.25 -11.63
C ASP C 51 -9.15 -35.10 -10.65
N VAL C 52 -8.68 -33.92 -11.04
CA VAL C 52 -8.85 -32.71 -10.23
C VAL C 52 -10.33 -32.41 -10.05
N ARG C 53 -11.11 -32.61 -11.11
CA ARG C 53 -12.56 -32.38 -11.05
C ARG C 53 -13.20 -33.31 -10.03
N ASP C 54 -12.90 -34.59 -10.17
CA ASP C 54 -13.42 -35.59 -9.25
C ASP C 54 -12.97 -35.30 -7.83
N TYR C 55 -11.76 -34.80 -7.68
CA TYR C 55 -11.22 -34.48 -6.37
C TYR C 55 -11.96 -33.32 -5.75
N LEU C 56 -12.34 -32.35 -6.58
CA LEU C 56 -13.07 -31.17 -6.12
C LEU C 56 -14.47 -31.53 -5.63
N LEU C 57 -15.12 -32.43 -6.35
CA LEU C 57 -16.43 -32.95 -5.97
C LEU C 57 -16.33 -33.70 -4.64
N TYR C 58 -15.28 -34.50 -4.50
CA TYR C 58 -15.02 -35.21 -3.25
C TYR C 58 -14.91 -34.22 -2.08
N LEU C 59 -14.18 -33.13 -2.28
CA LEU C 59 -14.10 -32.07 -1.27
C LEU C 59 -15.49 -31.46 -0.96
N GLN C 60 -16.30 -31.24 -2.00
CA GLN C 60 -17.68 -30.78 -1.80
C GLN C 60 -18.46 -31.75 -0.92
N ALA C 61 -18.40 -33.04 -1.27
CA ALA C 61 -19.06 -34.09 -0.51
C ALA C 61 -18.55 -34.05 0.92
N ARG C 62 -17.24 -33.94 1.09
CA ARG C 62 -16.64 -33.83 2.43
C ARG C 62 -17.20 -32.66 3.26
N GLY C 63 -17.93 -31.75 2.63
CA GLY C 63 -18.64 -30.70 3.34
C GLY C 63 -17.87 -29.40 3.52
N LEU C 64 -16.89 -29.13 2.66
CA LEU C 64 -16.03 -27.95 2.83
C LEU C 64 -16.58 -26.69 2.12
N ALA C 65 -16.23 -25.52 2.64
CA ALA C 65 -16.69 -24.24 2.08
C ALA C 65 -16.13 -24.00 0.69
N VAL C 66 -16.84 -23.25 -0.12
CA VAL C 66 -16.40 -22.93 -1.48
C VAL C 66 -15.00 -22.33 -1.42
N LYS C 67 -14.75 -21.47 -0.45
CA LYS C 67 -13.45 -20.84 -0.31
C LYS C 67 -12.35 -21.87 -0.01
N THR C 68 -12.66 -22.89 0.78
CA THR C 68 -11.70 -23.95 1.04
C THR C 68 -11.36 -24.62 -0.29
N ILE C 69 -12.38 -24.96 -1.07
CA ILE C 69 -12.15 -25.71 -2.31
C ILE C 69 -11.32 -24.88 -3.28
N GLN C 70 -11.54 -23.57 -3.26
CA GLN C 70 -10.73 -22.64 -4.02
C GLN C 70 -9.26 -22.68 -3.58
N GLN C 71 -9.00 -22.89 -2.29
CA GLN C 71 -7.63 -22.99 -1.76
C GLN C 71 -6.93 -24.20 -2.36
N HIS C 72 -7.61 -25.34 -2.37
CA HIS C 72 -7.02 -26.56 -2.90
C HIS C 72 -6.68 -26.44 -4.40
N LEU C 73 -7.56 -25.76 -5.14
CA LEU C 73 -7.36 -25.60 -6.57
C LEU C 73 -6.23 -24.61 -6.80
N GLY C 74 -6.19 -23.57 -5.97
CA GLY C 74 -5.23 -22.51 -6.13
C GLY C 74 -3.82 -22.99 -5.88
N GLN C 75 -3.64 -23.76 -4.80
CA GLN C 75 -2.35 -24.38 -4.50
C GLN C 75 -1.95 -25.36 -5.59
N LEU C 76 -2.89 -26.16 -6.07
CA LEU C 76 -2.63 -27.02 -7.21
C LEU C 76 -2.20 -26.21 -8.46
N ASN C 77 -2.91 -25.12 -8.76
CA ASN C 77 -2.54 -24.21 -9.85
C ASN C 77 -1.12 -23.67 -9.69
N MET C 78 -0.78 -23.26 -8.46
CA MET C 78 0.54 -22.74 -8.15
C MET C 78 1.59 -23.82 -8.40
N LEU C 79 1.36 -25.01 -7.87
CA LEU C 79 2.25 -26.15 -8.04
C LEU C 79 2.53 -26.42 -9.52
N HIS C 80 1.60 -26.10 -10.40
CA HIS C 80 1.78 -26.38 -11.82
C HIS C 80 2.40 -25.23 -12.60
N ARG C 81 2.10 -24.00 -12.21
CA ARG C 81 2.73 -22.82 -12.80
C ARG C 81 4.22 -22.73 -12.48
N ARG C 82 4.58 -23.08 -11.26
CA ARG C 82 5.97 -23.03 -10.84
C ARG C 82 6.70 -24.35 -11.18
N SER C 83 5.97 -25.27 -11.80
CA SER C 83 6.54 -26.27 -12.67
C SER C 83 6.26 -25.72 -14.05
N GLY C 84 6.54 -26.44 -15.12
CA GLY C 84 6.24 -25.89 -16.44
C GLY C 84 4.84 -26.22 -16.92
N LEU C 85 4.04 -26.82 -16.04
CA LEU C 85 2.87 -27.58 -16.47
C LEU C 85 1.62 -26.69 -16.53
N PRO C 86 0.59 -27.12 -17.29
CA PRO C 86 -0.61 -26.29 -17.40
C PRO C 86 -1.43 -26.35 -16.13
N ARG C 87 -1.98 -25.21 -15.73
CA ARG C 87 -2.91 -25.14 -14.60
C ARG C 87 -4.16 -25.96 -14.82
N PRO C 88 -4.54 -26.81 -13.84
CA PRO C 88 -5.81 -27.55 -13.97
C PRO C 88 -7.03 -26.64 -14.10
N SER C 89 -7.01 -25.48 -13.43
CA SER C 89 -8.06 -24.47 -13.60
C SER C 89 -8.30 -24.05 -15.04
N ASP C 90 -7.31 -24.23 -15.92
CA ASP C 90 -7.47 -23.88 -17.33
C ASP C 90 -8.08 -25.01 -18.17
N SER C 91 -8.38 -26.14 -17.56
CA SER C 91 -9.14 -27.15 -18.27
C SER C 91 -10.61 -26.72 -18.22
N ASN C 92 -11.37 -27.10 -19.24
CA ASN C 92 -12.77 -26.74 -19.32
C ASN C 92 -13.57 -27.46 -18.23
N ALA C 93 -13.26 -28.72 -18.01
CA ALA C 93 -13.89 -29.50 -16.95
C ALA C 93 -13.80 -28.78 -15.60
N VAL C 94 -12.59 -28.58 -15.09
CA VAL C 94 -12.41 -27.94 -13.77
C VAL C 94 -13.11 -26.58 -13.68
N SER C 95 -13.10 -25.82 -14.77
CA SER C 95 -13.78 -24.54 -14.82
C SER C 95 -15.28 -24.70 -14.56
N LEU C 96 -15.86 -25.69 -15.24
CA LEU C 96 -17.28 -25.97 -15.10
C LEU C 96 -17.64 -26.40 -13.69
N VAL C 97 -16.93 -27.39 -13.14
CA VAL C 97 -17.26 -27.90 -11.79
C VAL C 97 -17.20 -26.82 -10.74
N MET C 98 -16.21 -25.95 -10.84
CA MET C 98 -16.07 -24.87 -9.87
C MET C 98 -17.22 -23.87 -9.92
N ARG C 99 -17.75 -23.62 -11.12
CA ARG C 99 -18.98 -22.84 -11.27
C ARG C 99 -20.15 -23.57 -10.60
N ARG C 100 -20.28 -24.86 -10.94
CA ARG C 100 -21.32 -25.71 -10.36
C ARG C 100 -21.22 -25.72 -8.84
N ILE C 101 -20.09 -26.20 -8.33
CA ILE C 101 -19.85 -26.28 -6.89
C ILE C 101 -20.15 -24.97 -6.17
N ARG C 102 -19.78 -23.84 -6.77
CA ARG C 102 -20.06 -22.56 -6.15
C ARG C 102 -21.57 -22.25 -6.09
N LYS C 103 -22.24 -22.23 -7.25
CA LYS C 103 -23.71 -22.03 -7.31
C LYS C 103 -24.52 -23.04 -6.50
N GLU C 104 -24.01 -24.27 -6.43
CA GLU C 104 -24.68 -25.38 -5.77
C GLU C 104 -24.59 -25.28 -4.24
N ASN C 105 -23.45 -24.77 -3.74
CA ASN C 105 -23.26 -24.62 -2.30
C ASN C 105 -24.01 -23.39 -1.78
N VAL C 106 -24.04 -22.32 -2.58
CA VAL C 106 -24.78 -21.10 -2.20
C VAL C 106 -26.29 -21.39 -2.14
N ASP C 107 -26.80 -22.10 -3.14
CA ASP C 107 -28.18 -22.63 -3.12
C ASP C 107 -28.49 -23.32 -1.80
N ALA C 108 -27.63 -24.25 -1.40
CA ALA C 108 -27.80 -24.98 -0.14
C ALA C 108 -27.70 -24.09 1.11
N GLY C 109 -27.37 -22.82 0.91
CA GLY C 109 -27.36 -21.85 2.00
C GLY C 109 -26.08 -21.93 2.83
N GLU C 110 -24.94 -21.74 2.17
CA GLU C 110 -23.65 -21.66 2.83
C GLU C 110 -23.34 -20.18 2.98
N ARG C 111 -22.74 -19.81 4.11
CA ARG C 111 -22.51 -18.41 4.39
C ARG C 111 -21.13 -18.17 4.98
N ALA C 112 -20.50 -17.10 4.51
CA ALA C 112 -19.26 -16.62 5.08
C ALA C 112 -19.54 -16.27 6.52
N LYS C 113 -18.60 -16.57 7.40
CA LYS C 113 -18.71 -16.23 8.80
C LYS C 113 -17.74 -15.12 9.13
N GLN C 114 -17.77 -14.63 10.36
CA GLN C 114 -16.85 -13.58 10.80
C GLN C 114 -16.94 -13.35 12.30
N ALA C 115 -15.86 -12.81 12.86
CA ALA C 115 -15.64 -12.78 14.30
C ALA C 115 -16.83 -12.23 15.08
N LEU C 116 -17.27 -13.00 16.07
CA LEU C 116 -18.26 -12.56 17.04
C LEU C 116 -17.77 -11.26 17.68
N ALA C 117 -18.55 -10.19 17.55
CA ALA C 117 -18.15 -8.88 18.05
C ALA C 117 -17.65 -8.93 19.50
N PHE C 118 -16.57 -8.18 19.77
CA PHE C 118 -16.17 -7.86 21.13
C PHE C 118 -16.23 -6.34 21.26
N GLU C 119 -17.31 -5.85 21.87
CA GLU C 119 -17.66 -4.43 21.86
C GLU C 119 -17.52 -3.79 23.24
N ARG C 120 -17.81 -2.50 23.32
CA ARG C 120 -17.75 -1.78 24.59
C ARG C 120 -18.50 -2.53 25.67
N THR C 121 -19.76 -2.85 25.42
CA THR C 121 -20.59 -3.60 26.37
C THR C 121 -19.85 -4.81 26.96
N ASP C 122 -19.07 -5.48 26.11
CA ASP C 122 -18.30 -6.66 26.50
C ASP C 122 -17.00 -6.28 27.23
N PHE C 123 -16.33 -5.22 26.77
CA PHE C 123 -15.05 -4.79 27.38
C PHE C 123 -15.23 -4.27 28.80
N ASP C 124 -16.26 -3.45 29.01
CA ASP C 124 -16.60 -2.94 30.33
C ASP C 124 -17.00 -4.09 31.27
N GLN C 125 -17.81 -5.01 30.76
CA GLN C 125 -18.22 -6.17 31.54
C GLN C 125 -17.04 -7.01 32.01
N VAL C 126 -16.06 -7.20 31.13
CA VAL C 126 -14.83 -7.91 31.49
C VAL C 126 -13.99 -7.08 32.44
N ARG C 127 -13.84 -5.77 32.15
CA ARG C 127 -13.15 -4.84 33.06
C ARG C 127 -13.70 -5.04 34.45
N SER C 128 -15.01 -4.86 34.61
CA SER C 128 -15.67 -5.10 35.88
C SER C 128 -15.19 -6.39 36.54
N LEU C 129 -15.32 -7.50 35.82
CA LEU C 129 -15.15 -8.85 36.40
C LEU C 129 -13.74 -9.18 36.89
N MET C 130 -12.71 -8.53 36.34
CA MET C 130 -11.33 -8.84 36.70
C MET C 130 -10.44 -7.59 36.73
N GLU C 131 -11.03 -6.46 37.10
CA GLU C 131 -10.29 -5.21 37.25
C GLU C 131 -9.56 -5.23 38.58
N ASN C 132 -10.27 -5.66 39.63
CA ASN C 132 -9.73 -5.76 40.98
C ASN C 132 -9.20 -7.17 41.28
N SER C 133 -8.40 -7.69 40.35
CA SER C 133 -7.71 -8.97 40.53
C SER C 133 -6.20 -8.71 40.52
N ASP C 134 -5.48 -9.45 41.36
CA ASP C 134 -4.05 -9.25 41.51
C ASP C 134 -3.24 -10.37 40.85
N ARG C 135 -3.92 -11.29 40.18
CA ARG C 135 -3.25 -12.36 39.43
C ARG C 135 -2.65 -11.76 38.18
N CYS C 136 -1.37 -12.06 37.95
CA CYS C 136 -0.67 -11.57 36.77
C CYS C 136 -1.41 -11.75 35.46
N GLN C 137 -1.98 -12.94 35.29
CA GLN C 137 -2.67 -13.28 34.06
C GLN C 137 -3.88 -12.42 33.83
N ASP C 138 -4.58 -12.07 34.90
CA ASP C 138 -5.72 -11.18 34.76
C ASP C 138 -5.24 -9.80 34.29
N ILE C 139 -4.13 -9.34 34.87
CA ILE C 139 -3.53 -8.04 34.54
C ILE C 139 -3.00 -8.01 33.09
N ARG C 140 -2.39 -9.10 32.67
CA ARG C 140 -1.95 -9.24 31.28
C ARG C 140 -3.14 -9.31 30.33
N ASN C 141 -4.14 -10.09 30.70
CA ASN C 141 -5.32 -10.28 29.86
C ASN C 141 -6.16 -9.02 29.68
N LEU C 142 -6.20 -8.14 30.67
CA LEU C 142 -6.88 -6.85 30.49
C LEU C 142 -6.08 -5.95 29.57
N ALA C 143 -4.76 -5.96 29.73
CA ALA C 143 -3.91 -5.15 28.87
C ALA C 143 -4.08 -5.54 27.41
N PHE C 144 -4.07 -6.84 27.15
CA PHE C 144 -4.17 -7.35 25.78
C PHE C 144 -5.47 -6.93 25.13
N LEU C 145 -6.58 -7.13 25.85
CA LEU C 145 -7.90 -6.77 25.37
C LEU C 145 -7.94 -5.27 25.08
N GLY C 146 -7.44 -4.49 26.03
CA GLY C 146 -7.37 -3.04 25.86
C GLY C 146 -6.73 -2.69 24.54
N ILE C 147 -5.53 -3.22 24.30
CA ILE C 147 -4.82 -2.93 23.08
C ILE C 147 -5.58 -3.41 21.84
N ALA C 148 -6.01 -4.67 21.84
CA ALA C 148 -6.76 -5.23 20.71
C ALA C 148 -7.98 -4.38 20.33
N TYR C 149 -8.74 -3.95 21.34
CA TYR C 149 -9.93 -3.11 21.10
C TYR C 149 -9.55 -1.76 20.56
N ASN C 150 -8.67 -1.10 21.29
CA ASN C 150 -8.31 0.28 21.01
C ASN C 150 -7.50 0.47 19.73
N THR C 151 -6.70 -0.52 19.36
CA THR C 151 -5.81 -0.42 18.19
C THR C 151 -6.36 -1.09 16.93
N LEU C 152 -7.21 -2.10 17.12
CA LEU C 152 -7.66 -2.97 16.04
C LEU C 152 -6.48 -3.72 15.36
N LEU C 153 -5.34 -3.84 16.05
CA LEU C 153 -4.20 -4.57 15.48
C LEU C 153 -4.53 -6.04 15.40
N ARG C 154 -4.05 -6.71 14.35
CA ARG C 154 -4.17 -8.17 14.25
C ARG C 154 -3.30 -8.86 15.29
N ILE C 155 -3.60 -10.13 15.58
CA ILE C 155 -2.88 -10.84 16.64
C ILE C 155 -1.37 -11.01 16.35
N ALA C 156 -1.00 -11.35 15.11
CA ALA C 156 0.44 -11.41 14.73
C ALA C 156 1.12 -10.07 14.93
N GLU C 157 0.39 -8.99 14.68
CA GLU C 157 0.91 -7.65 14.92
C GLU C 157 1.17 -7.45 16.41
N ILE C 158 0.24 -7.90 17.25
CA ILE C 158 0.37 -7.64 18.69
C ILE C 158 1.46 -8.48 19.38
N ALA C 159 1.69 -9.69 18.86
CA ALA C 159 2.77 -10.56 19.35
C ALA C 159 4.16 -9.96 19.12
N ARG C 160 4.32 -9.19 18.05
CA ARG C 160 5.61 -8.56 17.70
C ARG C 160 5.88 -7.23 18.43
N ILE C 161 4.88 -6.67 19.09
CA ILE C 161 5.08 -5.40 19.80
C ILE C 161 6.19 -5.56 20.82
N ARG C 162 7.13 -4.63 20.80
CA ARG C 162 8.20 -4.57 21.81
C ARG C 162 8.11 -3.29 22.62
N VAL C 163 8.70 -3.29 23.81
CA VAL C 163 8.56 -2.17 24.76
C VAL C 163 9.30 -0.92 24.26
N LYS C 164 10.37 -1.13 23.50
CA LYS C 164 11.06 -0.02 22.84
C LYS C 164 10.16 0.68 21.81
N ASP C 165 9.17 -0.05 21.28
CA ASP C 165 8.23 0.50 20.31
C ASP C 165 7.13 1.35 20.95
N ILE C 166 7.17 1.53 22.28
CA ILE C 166 6.11 2.25 22.98
C ILE C 166 6.45 3.72 23.14
N MET C 174 -0.04 6.79 25.23
CA MET C 174 1.03 5.94 24.71
C MET C 174 0.94 5.72 23.19
N LEU C 175 2.10 5.68 22.54
CA LEU C 175 2.23 5.53 21.09
C LEU C 175 2.92 4.21 20.76
N ILE C 176 2.30 3.38 19.93
CA ILE C 176 2.86 2.09 19.51
C ILE C 176 3.19 2.10 18.01
N HIS C 177 4.48 1.99 17.69
CA HIS C 177 4.95 2.15 16.31
C HIS C 177 4.77 0.87 15.52
N ALA C 193 -1.83 4.74 18.88
CA ALA C 193 -2.24 5.70 19.90
C ALA C 193 -3.26 5.09 20.85
N LEU C 194 -2.94 5.05 22.15
CA LEU C 194 -3.78 4.38 23.14
C LEU C 194 -4.63 5.33 24.01
N SER C 195 -5.67 4.76 24.62
CA SER C 195 -6.60 5.49 25.47
C SER C 195 -5.97 5.88 26.80
N LEU C 196 -6.75 6.55 27.64
CA LEU C 196 -6.31 6.94 28.98
C LEU C 196 -6.20 5.70 29.86
N GLY C 197 -7.30 4.97 30.00
CA GLY C 197 -7.39 3.84 30.92
C GLY C 197 -6.75 2.59 30.38
N VAL C 198 -6.50 2.58 29.06
CA VAL C 198 -5.77 1.51 28.41
C VAL C 198 -4.26 1.72 28.59
N THR C 199 -3.81 2.97 28.51
CA THR C 199 -2.41 3.30 28.83
C THR C 199 -2.07 2.97 30.29
N LYS C 200 -3.02 3.19 31.20
CA LYS C 200 -2.85 2.85 32.63
C LYS C 200 -2.79 1.34 32.85
N LEU C 201 -3.62 0.60 32.13
CA LEU C 201 -3.69 -0.85 32.28
C LEU C 201 -2.46 -1.53 31.70
N VAL C 202 -1.93 -1.03 30.59
CA VAL C 202 -0.69 -1.60 30.02
C VAL C 202 0.53 -1.31 30.93
N GLU C 203 0.44 -0.23 31.71
CA GLU C 203 1.46 0.06 32.74
C GLU C 203 1.43 -0.95 33.90
N ARG C 204 0.24 -1.27 34.39
CA ARG C 204 0.11 -2.20 35.52
C ARG C 204 0.61 -3.61 35.16
N TRP C 205 0.45 -3.98 33.90
CA TRP C 205 1.05 -5.21 33.39
C TRP C 205 2.58 -5.05 33.30
N ILE C 206 3.03 -3.96 32.68
CA ILE C 206 4.48 -3.68 32.54
C ILE C 206 5.21 -3.75 33.88
N SER C 207 4.60 -3.18 34.92
CA SER C 207 5.14 -3.28 36.27
C SER C 207 5.27 -4.74 36.70
N VAL C 208 4.13 -5.39 36.93
CA VAL C 208 4.11 -6.75 37.44
C VAL C 208 4.91 -7.73 36.57
N SER C 209 4.93 -7.50 35.27
CA SER C 209 5.64 -8.40 34.35
C SER C 209 7.15 -8.21 34.39
N GLY C 210 7.60 -6.97 34.56
CA GLY C 210 9.00 -6.63 34.48
C GLY C 210 9.59 -6.74 33.08
N VAL C 211 8.78 -6.49 32.05
CA VAL C 211 9.27 -6.52 30.66
C VAL C 211 10.30 -5.41 30.43
N ALA C 212 10.03 -4.24 31.02
CA ALA C 212 11.01 -3.15 31.08
C ALA C 212 12.20 -3.61 31.91
N ASP C 213 13.29 -3.92 31.21
CA ASP C 213 14.43 -4.67 31.75
C ASP C 213 15.34 -4.88 30.55
N ASP C 214 14.71 -5.21 29.43
CA ASP C 214 15.31 -5.10 28.12
C ASP C 214 14.28 -4.35 27.24
N PRO C 215 14.72 -3.27 26.56
CA PRO C 215 13.82 -2.65 25.57
C PRO C 215 13.37 -3.64 24.48
N ASN C 216 14.27 -4.53 24.08
CA ASN C 216 13.99 -5.53 23.04
C ASN C 216 13.17 -6.76 23.52
N ASN C 217 12.71 -6.76 24.76
CA ASN C 217 11.66 -7.69 25.19
C ASN C 217 10.37 -7.39 24.41
N TYR C 218 9.58 -8.43 24.16
CA TYR C 218 8.22 -8.27 23.66
C TYR C 218 7.31 -7.82 24.80
N LEU C 219 6.38 -6.91 24.49
CA LEU C 219 5.50 -6.33 25.53
C LEU C 219 4.70 -7.39 26.26
N PHE C 220 4.25 -8.40 25.53
CA PHE C 220 3.47 -9.50 26.09
C PHE C 220 4.29 -10.78 26.08
N CYS C 221 4.25 -11.48 27.21
CA CYS C 221 4.98 -12.72 27.43
C CYS C 221 4.13 -13.71 28.25
N ARG C 222 4.62 -14.95 28.30
CA ARG C 222 3.96 -16.03 29.04
C ARG C 222 3.76 -15.67 30.50
N VAL C 223 2.78 -16.30 31.12
CA VAL C 223 2.66 -16.29 32.57
C VAL C 223 2.30 -17.71 33.08
N ARG C 224 3.20 -18.29 33.86
CA ARG C 224 3.09 -19.69 34.28
C ARG C 224 2.18 -19.87 35.49
N LYS C 225 1.84 -21.13 35.76
CA LYS C 225 0.93 -21.52 36.84
C LYS C 225 1.32 -20.98 38.22
N ASN C 226 2.61 -20.73 38.44
CA ASN C 226 3.06 -20.09 39.69
C ASN C 226 2.58 -18.65 39.80
N GLY C 227 2.37 -18.00 38.65
CA GLY C 227 1.87 -16.63 38.59
C GLY C 227 2.93 -15.61 38.23
N VAL C 228 4.15 -16.06 37.93
CA VAL C 228 5.26 -15.17 37.55
C VAL C 228 5.37 -15.07 36.03
N ALA C 229 5.75 -13.89 35.54
CA ALA C 229 5.89 -13.64 34.11
C ALA C 229 7.31 -13.95 33.64
N ALA C 230 7.45 -14.35 32.38
CA ALA C 230 8.75 -14.62 31.78
C ALA C 230 8.98 -13.79 30.48
N PRO C 231 9.48 -12.54 30.62
CA PRO C 231 9.91 -11.67 29.51
C PRO C 231 10.97 -12.32 28.62
N SER C 232 10.95 -11.99 27.34
CA SER C 232 11.85 -12.60 26.37
C SER C 232 11.97 -11.76 25.11
N ALA C 233 13.19 -11.59 24.63
CA ALA C 233 13.43 -10.85 23.40
C ALA C 233 13.48 -11.80 22.20
N THR C 234 13.70 -13.09 22.46
CA THR C 234 13.88 -14.07 21.40
C THR C 234 12.57 -14.74 21.00
N SER C 235 11.70 -14.98 21.98
CA SER C 235 10.43 -15.67 21.76
C SER C 235 9.27 -14.75 22.13
N GLN C 236 8.25 -14.72 21.27
CA GLN C 236 7.03 -13.95 21.53
C GLN C 236 5.87 -14.88 21.85
N LEU C 237 4.82 -14.32 22.46
CA LEU C 237 3.59 -15.08 22.65
C LEU C 237 3.09 -15.49 21.27
N SER C 238 2.74 -16.76 21.14
CA SER C 238 2.16 -17.26 19.92
C SER C 238 0.78 -16.61 19.71
N THR C 239 0.37 -16.47 18.46
CA THR C 239 -0.95 -15.93 18.15
C THR C 239 -2.06 -16.84 18.68
N ARG C 240 -1.76 -18.13 18.80
CA ARG C 240 -2.67 -19.08 19.40
C ARG C 240 -2.95 -18.75 20.86
N ALA C 241 -1.93 -18.34 21.60
CA ALA C 241 -2.10 -17.89 22.99
C ALA C 241 -3.01 -16.66 23.07
N LEU C 242 -2.80 -15.73 22.14
CA LEU C 242 -3.59 -14.49 22.10
C LEU C 242 -5.06 -14.77 21.81
N GLU C 243 -5.30 -15.69 20.88
CA GLU C 243 -6.64 -16.20 20.64
C GLU C 243 -7.18 -16.84 21.94
N GLY C 244 -6.32 -17.56 22.64
CA GLY C 244 -6.64 -18.18 23.92
C GLY C 244 -7.14 -17.21 24.97
N ILE C 245 -6.54 -16.02 25.01
CA ILE C 245 -6.98 -14.99 25.93
C ILE C 245 -8.42 -14.59 25.63
N PHE C 246 -8.75 -14.42 24.36
CA PHE C 246 -10.14 -14.10 23.96
C PHE C 246 -11.10 -15.22 24.37
N GLU C 247 -10.71 -16.46 24.09
CA GLU C 247 -11.55 -17.63 24.37
C GLU C 247 -11.76 -17.81 25.87
N ALA C 248 -10.68 -17.74 26.65
CA ALA C 248 -10.73 -17.86 28.11
C ALA C 248 -11.63 -16.80 28.73
N THR C 249 -11.54 -15.58 28.21
CA THR C 249 -12.40 -14.48 28.64
C THR C 249 -13.88 -14.72 28.33
N HIS C 250 -14.16 -15.49 27.27
CA HIS C 250 -15.54 -15.85 26.93
C HIS C 250 -16.07 -16.99 27.80
N ARG C 251 -15.25 -18.01 28.00
CA ARG C 251 -15.57 -19.17 28.85
C ARG C 251 -15.80 -18.73 30.29
N LEU C 252 -14.95 -17.83 30.78
CA LEU C 252 -15.10 -17.24 32.10
C LEU C 252 -16.55 -16.78 32.28
N ILE C 253 -17.01 -15.89 31.41
CA ILE C 253 -18.37 -15.37 31.49
C ILE C 253 -19.40 -16.44 31.14
N TYR C 254 -19.43 -16.85 29.88
CA TYR C 254 -20.54 -17.66 29.34
C TYR C 254 -20.38 -19.17 29.49
N GLY C 255 -19.35 -19.63 30.19
CA GLY C 255 -19.14 -21.06 30.42
C GLY C 255 -18.73 -21.83 29.17
N ALA C 256 -18.36 -23.10 29.34
CA ALA C 256 -17.89 -23.97 28.25
C ALA C 256 -18.51 -23.63 26.89
N LYS C 257 -17.65 -23.52 25.88
CA LYS C 257 -18.07 -23.05 24.55
C LYS C 257 -19.36 -23.70 24.08
N ASP C 258 -20.17 -22.89 23.38
CA ASP C 258 -21.45 -23.32 22.85
C ASP C 258 -21.43 -24.74 22.29
N ASP C 259 -22.50 -25.48 22.57
CA ASP C 259 -22.71 -26.80 21.99
C ASP C 259 -22.70 -26.75 20.46
N GLY C 261 -20.31 -27.60 17.46
CA GLY C 261 -18.99 -27.95 16.93
C GLY C 261 -18.49 -27.08 15.78
N GLN C 262 -19.06 -25.88 15.64
CA GLN C 262 -18.78 -25.00 14.51
C GLN C 262 -17.94 -23.78 14.96
N ARG C 263 -17.86 -22.76 14.10
CA ARG C 263 -16.94 -21.63 14.30
C ARG C 263 -17.60 -20.35 14.80
N TYR C 264 -16.78 -19.53 15.46
CA TYR C 264 -17.19 -18.22 15.98
C TYR C 264 -18.25 -18.26 17.09
N LEU C 265 -18.23 -19.33 17.91
CA LEU C 265 -19.14 -19.46 19.05
C LEU C 265 -18.59 -18.77 20.31
N ALA C 266 -17.35 -18.27 20.22
CA ALA C 266 -16.73 -17.48 21.28
C ALA C 266 -15.94 -16.36 20.60
N TRP C 267 -15.33 -15.47 21.36
CA TRP C 267 -14.46 -14.46 20.75
C TRP C 267 -13.16 -15.11 20.29
N SER C 268 -12.49 -14.43 19.36
CA SER C 268 -11.22 -14.89 18.80
C SER C 268 -10.43 -13.67 18.33
N GLY C 269 -9.31 -13.89 17.65
CA GLY C 269 -8.43 -12.81 17.19
C GLY C 269 -9.14 -11.54 16.75
N HIS C 270 -9.86 -11.60 15.64
CA HIS C 270 -10.46 -10.39 15.05
C HIS C 270 -11.65 -9.81 15.83
N SER C 271 -12.17 -10.54 16.83
CA SER C 271 -13.36 -10.10 17.59
C SER C 271 -13.30 -8.65 18.03
N ALA C 272 -12.14 -8.23 18.52
CA ALA C 272 -11.95 -6.84 18.95
C ALA C 272 -11.99 -5.88 17.77
N ARG C 273 -11.46 -6.31 16.62
CA ARG C 273 -11.51 -5.51 15.40
C ARG C 273 -12.95 -5.31 14.90
N VAL C 274 -13.70 -6.41 14.79
CA VAL C 274 -15.09 -6.38 14.34
C VAL C 274 -15.91 -5.49 15.28
N GLY C 275 -15.82 -5.79 16.57
CA GLY C 275 -16.54 -5.05 17.59
C GLY C 275 -16.14 -3.60 17.72
N ALA C 276 -14.87 -3.29 17.46
CA ALA C 276 -14.39 -1.91 17.53
C ALA C 276 -15.12 -1.02 16.52
N ALA C 277 -15.13 -1.45 15.27
CA ALA C 277 -15.77 -0.67 14.19
C ALA C 277 -17.28 -0.53 14.39
N ARG C 278 -17.93 -1.57 14.89
CA ARG C 278 -19.37 -1.53 15.12
C ARG C 278 -19.76 -0.38 16.04
N ASP C 279 -19.00 -0.19 17.12
CA ASP C 279 -19.21 0.95 18.03
C ASP C 279 -18.77 2.26 17.39
N MET C 280 -17.72 2.19 16.59
CA MET C 280 -17.15 3.36 15.91
C MET C 280 -18.14 3.98 14.91
N ALA C 281 -18.94 3.13 14.28
CA ALA C 281 -19.98 3.57 13.35
C ALA C 281 -21.30 3.85 14.07
N ARG C 282 -21.65 3.00 15.03
CA ARG C 282 -22.83 3.20 15.86
C ARG C 282 -22.75 4.55 16.57
N ALA C 283 -21.53 4.93 16.96
CA ALA C 283 -21.26 6.25 17.52
C ALA C 283 -21.28 7.31 16.42
N GLY C 284 -21.01 6.89 15.20
CA GLY C 284 -21.12 7.76 14.03
C GLY C 284 -19.85 8.55 13.77
N VAL C 285 -19.06 8.09 12.80
CA VAL C 285 -17.94 8.87 12.27
C VAL C 285 -17.54 8.33 10.89
N SER C 286 -16.90 9.17 10.09
CA SER C 286 -16.64 8.87 8.67
C SER C 286 -16.04 7.49 8.45
N ILE C 287 -16.47 6.82 7.39
CA ILE C 287 -16.01 5.45 7.11
C ILE C 287 -14.51 5.41 6.80
N PRO C 288 -13.98 6.34 5.97
CA PRO C 288 -12.51 6.43 5.81
C PRO C 288 -11.73 6.77 7.10
N GLU C 289 -12.42 7.23 8.13
CA GLU C 289 -11.84 7.37 9.47
C GLU C 289 -11.74 5.97 10.09
N ILE C 290 -12.82 5.18 9.97
CA ILE C 290 -12.84 3.79 10.41
C ILE C 290 -11.76 2.96 9.70
N MET C 291 -11.68 3.12 8.37
CA MET C 291 -10.75 2.37 7.54
C MET C 291 -9.30 2.59 7.97
N GLN C 292 -8.91 3.85 8.14
CA GLN C 292 -7.55 4.19 8.56
C GLN C 292 -7.26 3.81 10.01
N ALA C 293 -8.31 3.58 10.78
CA ALA C 293 -8.16 3.04 12.13
C ALA C 293 -7.59 1.62 12.06
N GLY C 294 -8.26 0.74 11.33
CA GLY C 294 -7.85 -0.66 11.20
C GLY C 294 -6.79 -0.91 10.14
N GLY C 295 -6.51 0.09 9.31
CA GLY C 295 -5.53 -0.04 8.25
C GLY C 295 -6.12 -0.64 6.98
N TRP C 296 -7.44 -0.72 6.90
CA TRP C 296 -8.13 -1.12 5.66
C TRP C 296 -7.93 -0.07 4.55
N THR C 297 -8.07 -0.51 3.29
CA THR C 297 -8.20 0.41 2.15
C THR C 297 -9.19 -0.09 1.08
N ASN C 298 -9.97 -1.11 1.44
CA ASN C 298 -10.98 -1.72 0.56
C ASN C 298 -12.25 -1.96 1.37
N VAL C 299 -13.10 -0.93 1.43
CA VAL C 299 -14.26 -0.86 2.34
C VAL C 299 -15.11 -2.12 2.46
N ASN C 300 -15.08 -2.97 1.42
CA ASN C 300 -15.68 -4.31 1.45
C ASN C 300 -15.90 -4.90 2.84
N ILE C 301 -14.80 -4.99 3.59
CA ILE C 301 -14.78 -5.74 4.85
C ILE C 301 -15.36 -4.93 6.02
N VAL C 302 -14.96 -3.66 6.13
CA VAL C 302 -15.52 -2.79 7.16
C VAL C 302 -17.05 -2.71 7.05
N MET C 303 -17.56 -2.62 5.81
CA MET C 303 -19.01 -2.56 5.55
C MET C 303 -19.70 -3.84 6.02
N ASN C 304 -19.05 -4.97 5.79
CA ASN C 304 -19.60 -6.27 6.18
C ASN C 304 -19.68 -6.43 7.70
N TYR C 305 -18.76 -5.80 8.43
CA TYR C 305 -18.78 -5.87 9.90
C TYR C 305 -19.92 -5.01 10.45
N ILE C 306 -20.10 -3.82 9.87
CA ILE C 306 -20.99 -2.79 10.37
C ILE C 306 -22.42 -2.93 9.88
N ARG C 307 -22.61 -3.85 8.93
CA ARG C 307 -23.81 -3.87 8.08
C ARG C 307 -25.17 -4.07 8.77
N ASN C 308 -25.23 -4.83 9.88
CA ASN C 308 -26.53 -5.06 10.53
C ASN C 308 -26.93 -4.01 11.58
N LEU C 309 -26.36 -2.81 11.47
CA LEU C 309 -26.67 -1.68 12.37
C LEU C 309 -27.69 -0.73 11.77
N ASP C 310 -28.60 -0.27 12.62
CA ASP C 310 -29.71 0.60 12.19
C ASP C 310 -29.30 1.84 11.40
N SER C 311 -28.06 2.30 11.56
CA SER C 311 -27.57 3.45 10.76
C SER C 311 -27.30 3.06 9.30
N GLU C 312 -27.22 1.76 9.02
CA GLU C 312 -26.85 1.27 7.69
C GLU C 312 -28.03 0.75 6.86
N THR C 313 -29.25 1.04 7.30
CA THR C 313 -30.44 0.38 6.74
C THR C 313 -30.88 0.93 5.38
N GLY C 314 -30.23 1.98 4.89
CA GLY C 314 -30.42 2.44 3.52
C GLY C 314 -31.61 3.35 3.28
N ALA C 315 -31.69 3.87 2.05
CA ALA C 315 -32.64 4.93 1.72
C ALA C 315 -34.12 4.53 1.86
N MET C 316 -34.46 3.27 1.55
CA MET C 316 -35.85 2.81 1.53
C MET C 316 -36.49 2.74 2.92
N VAL C 317 -35.72 2.34 3.92
CA VAL C 317 -36.19 2.37 5.31
C VAL C 317 -36.39 3.81 5.75
N ARG C 318 -35.41 4.65 5.42
CA ARG C 318 -35.51 6.08 5.65
C ARG C 318 -36.75 6.68 4.97
N LEU C 319 -37.02 6.26 3.73
CA LEU C 319 -38.19 6.77 2.99
C LEU C 319 -39.50 6.25 3.59
N LEU C 320 -39.57 4.94 3.83
CA LEU C 320 -40.81 4.35 4.34
C LEU C 320 -41.17 4.96 5.70
N GLU C 321 -40.18 5.10 6.58
CA GLU C 321 -40.41 5.71 7.90
C GLU C 321 -40.62 7.22 7.79
N ASP C 322 -40.18 7.78 6.66
CA ASP C 322 -40.65 9.07 6.11
C ASP C 322 -39.81 10.29 6.50
N SER D 1 18.30 -13.11 -35.27
CA SER D 1 16.95 -13.20 -35.89
C SER D 1 16.58 -11.87 -36.54
N ASP D 2 15.90 -11.94 -37.68
CA ASP D 2 15.54 -10.77 -38.47
C ASP D 2 14.36 -10.03 -37.87
N GLU D 3 13.34 -10.79 -37.50
CA GLU D 3 12.15 -10.23 -36.87
C GLU D 3 12.56 -9.35 -35.67
N VAL D 4 13.42 -9.90 -34.81
CA VAL D 4 13.93 -9.16 -33.65
C VAL D 4 14.60 -7.85 -34.06
N ARG D 5 15.44 -7.90 -35.09
CA ARG D 5 16.08 -6.67 -35.59
C ARG D 5 15.04 -5.67 -36.11
N LYS D 6 13.97 -6.15 -36.74
CA LYS D 6 12.94 -5.27 -37.29
C LYS D 6 12.00 -4.73 -36.20
N ASN D 7 11.58 -5.60 -35.30
CA ASN D 7 10.76 -5.22 -34.17
C ASN D 7 11.42 -4.14 -33.32
N LEU D 8 12.73 -4.27 -33.15
CA LEU D 8 13.54 -3.31 -32.43
C LEU D 8 13.66 -2.00 -33.22
N MET D 9 13.92 -2.08 -34.53
CA MET D 9 14.02 -0.91 -35.41
C MET D 9 12.69 -0.17 -35.53
N ASP D 10 11.58 -0.89 -35.43
CA ASP D 10 10.26 -0.27 -35.46
C ASP D 10 9.98 0.53 -34.18
N MET D 11 10.38 -0.01 -33.03
CA MET D 11 10.22 0.71 -31.76
C MET D 11 11.09 1.97 -31.73
N PHE D 12 12.35 1.82 -32.14
CA PHE D 12 13.25 2.95 -32.23
C PHE D 12 12.64 4.03 -33.12
N ARG D 13 12.38 3.71 -34.38
CA ARG D 13 11.83 4.66 -35.35
C ARG D 13 10.60 5.42 -34.81
N ASP D 14 9.79 4.76 -34.01
CA ASP D 14 8.63 5.40 -33.39
C ASP D 14 8.78 5.62 -31.88
N ARG D 15 9.99 6.00 -31.46
CA ARG D 15 10.28 6.19 -30.04
C ARG D 15 9.36 7.23 -29.38
N GLN D 16 8.90 8.20 -30.16
CA GLN D 16 7.97 9.23 -29.69
C GLN D 16 6.65 8.69 -29.12
N ALA D 17 6.32 7.46 -29.46
CA ALA D 17 5.21 6.75 -28.83
C ALA D 17 5.41 6.62 -27.33
N PHE D 18 6.65 6.77 -26.87
CA PHE D 18 6.95 6.65 -25.46
C PHE D 18 7.51 7.97 -24.94
N SER D 19 7.37 8.18 -23.64
CA SER D 19 7.97 9.34 -22.97
C SER D 19 9.47 9.26 -23.06
N GLU D 20 10.12 10.43 -23.22
CA GLU D 20 11.59 10.49 -23.23
C GLU D 20 12.20 10.02 -21.91
N HIS D 21 11.42 10.03 -20.85
CA HIS D 21 11.87 9.46 -19.58
C HIS D 21 11.93 7.95 -19.65
N THR D 22 10.97 7.37 -20.38
CA THR D 22 10.98 5.94 -20.62
C THR D 22 12.24 5.62 -21.42
N TRP D 23 12.54 6.40 -22.46
CA TRP D 23 13.76 6.16 -23.23
C TRP D 23 15.02 6.32 -22.40
N LYS D 24 15.10 7.36 -21.58
CA LYS D 24 16.30 7.60 -20.78
C LYS D 24 16.56 6.43 -19.84
N MET D 25 15.52 5.91 -19.21
CA MET D 25 15.70 4.77 -18.30
C MET D 25 15.98 3.44 -19.03
N LEU D 26 15.40 3.26 -20.23
CA LEU D 26 15.73 2.09 -21.06
C LEU D 26 17.26 2.02 -21.25
N LEU D 27 17.84 3.15 -21.65
CA LEU D 27 19.28 3.19 -21.92
C LEU D 27 20.11 3.07 -20.63
N SER D 28 19.64 3.71 -19.57
CA SER D 28 20.34 3.70 -18.31
C SER D 28 20.41 2.29 -17.73
N VAL D 29 19.27 1.59 -17.73
CA VAL D 29 19.24 0.19 -17.31
C VAL D 29 20.15 -0.67 -18.21
N CYS D 30 20.07 -0.45 -19.53
CA CYS D 30 20.90 -1.17 -20.50
C CYS D 30 22.40 -0.97 -20.29
N ARG D 31 22.81 0.25 -19.95
CA ARG D 31 24.21 0.49 -19.62
C ARG D 31 24.57 -0.38 -18.44
N SER D 32 23.81 -0.24 -17.37
CA SER D 32 24.07 -0.90 -16.10
C SER D 32 24.14 -2.41 -16.28
N TRP D 33 23.17 -2.95 -17.03
CA TRP D 33 23.09 -4.38 -17.34
C TRP D 33 24.26 -4.83 -18.23
N ALA D 34 24.55 -4.04 -19.26
CA ALA D 34 25.71 -4.29 -20.13
C ALA D 34 27.01 -4.25 -19.32
N ALA D 35 27.10 -3.33 -18.37
CA ALA D 35 28.32 -3.23 -17.59
C ALA D 35 28.50 -4.52 -16.79
N TRP D 36 27.44 -5.00 -16.15
CA TRP D 36 27.49 -6.22 -15.34
C TRP D 36 27.82 -7.47 -16.18
N CYS D 37 27.20 -7.58 -17.36
CA CYS D 37 27.47 -8.70 -18.24
C CYS D 37 28.94 -8.76 -18.64
N LYS D 38 29.52 -7.58 -18.87
CA LYS D 38 30.92 -7.46 -19.29
C LYS D 38 31.86 -7.90 -18.17
N LEU D 39 31.57 -7.46 -16.95
CA LEU D 39 32.32 -7.92 -15.80
C LEU D 39 32.34 -9.43 -15.68
N ASN D 40 31.28 -10.09 -16.14
CA ASN D 40 31.08 -11.51 -15.86
C ASN D 40 31.10 -12.41 -17.09
N ASN D 41 31.66 -11.90 -18.20
CA ASN D 41 31.77 -12.64 -19.45
C ASN D 41 30.40 -13.20 -19.88
N ARG D 42 29.41 -12.33 -20.03
CA ARG D 42 28.02 -12.77 -20.29
C ARG D 42 27.40 -11.99 -21.41
N LYS D 43 26.59 -12.66 -22.22
CA LYS D 43 25.92 -12.02 -23.35
C LYS D 43 24.75 -11.19 -22.83
N TRP D 44 24.73 -9.88 -23.14
CA TRP D 44 23.73 -9.00 -22.55
C TRP D 44 22.38 -9.04 -23.28
N PHE D 45 22.35 -9.08 -24.61
CA PHE D 45 21.03 -9.23 -25.22
C PHE D 45 20.73 -10.71 -25.28
N PRO D 46 19.95 -11.22 -26.24
CA PRO D 46 18.83 -11.90 -25.61
C PRO D 46 19.26 -12.31 -24.19
N ALA D 47 18.79 -11.57 -23.20
CA ALA D 47 19.18 -11.80 -21.82
C ALA D 47 18.71 -13.18 -21.38
N GLU D 48 19.56 -13.84 -20.61
CA GLU D 48 19.31 -15.20 -20.17
C GLU D 48 18.81 -15.14 -18.72
N PRO D 49 17.70 -15.84 -18.43
CA PRO D 49 17.02 -15.81 -17.13
C PRO D 49 17.92 -15.84 -15.93
N GLU D 50 18.86 -16.78 -15.92
CA GLU D 50 19.73 -16.95 -14.79
C GLU D 50 20.68 -15.77 -14.65
N ASP D 51 21.09 -15.19 -15.77
CA ASP D 51 21.95 -14.01 -15.76
C ASP D 51 21.22 -12.81 -15.18
N VAL D 52 19.96 -12.65 -15.59
CA VAL D 52 19.13 -11.60 -15.03
C VAL D 52 18.95 -11.79 -13.51
N ARG D 53 18.72 -13.03 -13.06
CA ARG D 53 18.47 -13.28 -11.63
C ARG D 53 19.67 -12.80 -10.82
N ASP D 54 20.84 -13.29 -11.22
CA ASP D 54 22.10 -12.84 -10.62
C ASP D 54 22.23 -11.31 -10.62
N TYR D 55 21.89 -10.66 -11.72
CA TYR D 55 21.97 -9.20 -11.80
C TYR D 55 21.06 -8.50 -10.79
N LEU D 56 19.84 -9.02 -10.59
CA LEU D 56 18.92 -8.42 -9.62
C LEU D 56 19.43 -8.59 -8.19
N LEU D 57 20.00 -9.75 -7.89
CA LEU D 57 20.62 -10.01 -6.57
C LEU D 57 21.80 -9.08 -6.36
N TYR D 58 22.53 -8.83 -7.42
CA TYR D 58 23.63 -7.91 -7.39
C TYR D 58 23.12 -6.51 -6.99
N LEU D 59 22.10 -6.01 -7.67
CA LEU D 59 21.44 -4.74 -7.26
C LEU D 59 20.97 -4.75 -5.81
N GLN D 60 20.34 -5.84 -5.38
CA GLN D 60 19.98 -5.94 -3.97
C GLN D 60 21.23 -5.77 -3.11
N ALA D 61 22.32 -6.45 -3.44
CA ALA D 61 23.55 -6.38 -2.65
C ALA D 61 24.21 -4.98 -2.66
N ARG D 62 24.04 -4.22 -3.74
CA ARG D 62 24.51 -2.85 -3.79
C ARG D 62 23.68 -1.93 -2.92
N GLY D 63 22.64 -2.47 -2.29
CA GLY D 63 21.83 -1.74 -1.33
C GLY D 63 20.76 -0.87 -1.99
N LEU D 64 20.45 -1.12 -3.25
CA LEU D 64 19.46 -0.30 -3.96
C LEU D 64 18.04 -0.57 -3.46
N ALA D 65 17.15 0.38 -3.69
CA ALA D 65 15.77 0.25 -3.24
C ALA D 65 15.03 -0.80 -4.07
N VAL D 66 14.00 -1.41 -3.49
CA VAL D 66 13.17 -2.41 -4.17
C VAL D 66 12.56 -1.84 -5.45
N LYS D 67 12.12 -0.58 -5.43
CA LYS D 67 11.48 -0.01 -6.64
C LYS D 67 12.48 0.25 -7.75
N THR D 68 13.74 0.50 -7.40
CA THR D 68 14.74 0.68 -8.42
C THR D 68 15.05 -0.70 -9.00
N ILE D 69 15.12 -1.74 -8.16
CA ILE D 69 15.38 -3.08 -8.68
C ILE D 69 14.24 -3.48 -9.64
N GLN D 70 13.00 -3.13 -9.28
CA GLN D 70 11.86 -3.36 -10.16
C GLN D 70 11.96 -2.59 -11.47
N GLN D 71 12.53 -1.39 -11.44
CA GLN D 71 12.73 -0.59 -12.67
C GLN D 71 13.66 -1.28 -13.65
N HIS D 72 14.71 -1.88 -13.12
CA HIS D 72 15.68 -2.53 -13.97
C HIS D 72 15.00 -3.71 -14.66
N LEU D 73 14.32 -4.55 -13.90
CA LEU D 73 13.58 -5.70 -14.44
C LEU D 73 12.55 -5.25 -15.46
N GLY D 74 11.80 -4.21 -15.11
CA GLY D 74 10.78 -3.66 -15.99
C GLY D 74 11.32 -3.26 -17.35
N GLN D 75 12.41 -2.47 -17.37
CA GLN D 75 13.00 -2.03 -18.64
C GLN D 75 13.51 -3.21 -19.44
N LEU D 76 14.10 -4.17 -18.75
CA LEU D 76 14.58 -5.39 -19.38
C LEU D 76 13.39 -6.17 -19.98
N ASN D 77 12.29 -6.27 -19.24
CA ASN D 77 11.08 -6.91 -19.77
C ASN D 77 10.54 -6.22 -21.02
N MET D 78 10.55 -4.89 -21.03
CA MET D 78 10.00 -4.13 -22.14
C MET D 78 10.83 -4.40 -23.37
N LEU D 79 12.13 -4.16 -23.26
CA LEU D 79 13.08 -4.39 -24.35
C LEU D 79 12.82 -5.75 -25.05
N HIS D 80 12.70 -6.81 -24.27
CA HIS D 80 12.45 -8.15 -24.80
C HIS D 80 11.05 -8.35 -25.41
N ARG D 81 10.02 -7.92 -24.69
CA ARG D 81 8.64 -8.08 -25.15
C ARG D 81 8.40 -7.37 -26.46
N ARG D 82 8.98 -6.20 -26.63
CA ARG D 82 8.80 -5.44 -27.85
C ARG D 82 9.75 -5.87 -28.93
N SER D 83 10.79 -6.61 -28.54
CA SER D 83 11.66 -7.25 -29.52
C SER D 83 11.00 -8.47 -30.15
N GLY D 84 9.92 -8.96 -29.54
CA GLY D 84 9.34 -10.24 -29.91
C GLY D 84 9.79 -11.40 -29.03
N LEU D 85 10.70 -11.13 -28.09
CA LEU D 85 11.27 -12.18 -27.29
C LEU D 85 10.45 -12.35 -26.02
N PRO D 86 10.59 -13.51 -25.35
CA PRO D 86 10.04 -13.67 -24.00
C PRO D 86 10.71 -12.76 -22.98
N ARG D 87 9.94 -12.35 -21.98
CA ARG D 87 10.45 -11.56 -20.87
C ARG D 87 11.30 -12.42 -19.93
N PRO D 88 12.41 -11.85 -19.42
CA PRO D 88 13.00 -12.45 -18.24
C PRO D 88 11.96 -12.85 -17.19
N SER D 89 10.97 -12.00 -16.95
CA SER D 89 9.94 -12.29 -15.93
C SER D 89 9.09 -13.51 -16.26
N ASP D 90 8.99 -13.83 -17.55
CA ASP D 90 8.32 -15.04 -17.98
C ASP D 90 9.00 -16.32 -17.49
N SER D 91 10.19 -16.23 -16.91
CA SER D 91 10.84 -17.39 -16.34
C SER D 91 10.74 -17.36 -14.81
N ASN D 92 10.61 -18.53 -14.21
CA ASN D 92 10.46 -18.65 -12.76
C ASN D 92 11.65 -18.14 -12.00
N ALA D 93 12.85 -18.39 -12.50
CA ALA D 93 14.04 -17.93 -11.80
C ALA D 93 14.03 -16.42 -11.56
N VAL D 94 13.43 -15.64 -12.47
CA VAL D 94 13.40 -14.18 -12.34
C VAL D 94 12.18 -13.68 -11.55
N SER D 95 10.98 -14.20 -11.86
CA SER D 95 9.76 -13.85 -11.08
C SER D 95 9.94 -14.17 -9.63
N LEU D 96 10.53 -15.32 -9.34
CA LEU D 96 10.68 -15.77 -7.97
C LEU D 96 11.71 -14.94 -7.22
N VAL D 97 12.82 -14.58 -7.86
CA VAL D 97 13.85 -13.83 -7.15
C VAL D 97 13.36 -12.43 -6.86
N MET D 98 12.50 -11.91 -7.73
CA MET D 98 11.97 -10.55 -7.54
C MET D 98 11.08 -10.47 -6.28
N ARG D 99 10.16 -11.42 -6.13
CA ARG D 99 9.38 -11.55 -4.90
C ARG D 99 10.29 -11.61 -3.69
N ARG D 100 11.26 -12.50 -3.78
CA ARG D 100 12.18 -12.71 -2.70
C ARG D 100 12.91 -11.43 -2.34
N ILE D 101 13.44 -10.74 -3.35
CA ILE D 101 14.12 -9.46 -3.13
C ILE D 101 13.21 -8.45 -2.42
N ARG D 102 11.95 -8.36 -2.86
CA ARG D 102 10.95 -7.52 -2.21
C ARG D 102 10.69 -7.91 -0.75
N LYS D 103 10.30 -9.17 -0.53
CA LYS D 103 9.96 -9.66 0.81
C LYS D 103 11.09 -9.55 1.81
N GLU D 104 12.32 -9.80 1.38
CA GLU D 104 13.47 -9.75 2.28
C GLU D 104 13.84 -8.33 2.68
N ASN D 105 13.95 -7.45 1.69
CA ASN D 105 14.24 -6.05 1.93
C ASN D 105 13.17 -5.41 2.80
N VAL D 106 11.90 -5.64 2.46
CA VAL D 106 10.82 -5.12 3.29
C VAL D 106 10.98 -5.63 4.72
N ASP D 107 11.08 -6.95 4.88
CA ASP D 107 11.30 -7.55 6.20
C ASP D 107 12.53 -7.00 6.93
N ALA D 108 13.54 -6.54 6.19
CA ALA D 108 14.70 -5.88 6.83
C ALA D 108 14.46 -4.40 7.16
N GLY D 109 13.25 -3.89 6.90
CA GLY D 109 12.90 -2.53 7.32
C GLY D 109 12.87 -1.45 6.24
N GLU D 110 13.24 -1.82 5.01
CA GLU D 110 13.21 -0.89 3.89
C GLU D 110 11.77 -0.43 3.64
N ARG D 111 11.61 0.83 3.30
CA ARG D 111 10.28 1.42 3.04
C ARG D 111 10.39 2.51 1.99
N ALA D 112 9.40 2.60 1.10
CA ALA D 112 9.36 3.68 0.11
C ALA D 112 9.21 5.00 0.86
N LYS D 113 9.63 6.10 0.24
CA LYS D 113 9.62 7.40 0.91
C LYS D 113 8.56 8.30 0.29
N GLN D 114 8.28 9.41 0.95
CA GLN D 114 7.32 10.40 0.46
C GLN D 114 7.88 11.81 0.54
N ALA D 115 7.48 12.65 -0.41
CA ALA D 115 7.76 14.07 -0.35
C ALA D 115 7.28 14.66 0.98
N LEU D 116 8.17 15.39 1.65
CA LEU D 116 7.82 16.26 2.77
C LEU D 116 6.71 17.21 2.35
N ALA D 117 5.69 17.36 3.20
CA ALA D 117 4.48 18.08 2.83
C ALA D 117 4.68 19.58 2.69
N PHE D 118 4.03 20.21 1.71
CA PHE D 118 3.91 21.65 1.61
C PHE D 118 2.45 21.98 1.78
N GLU D 119 2.08 22.49 2.97
CA GLU D 119 0.67 22.69 3.32
C GLU D 119 0.26 24.16 3.32
N ARG D 120 -1.01 24.39 3.61
CA ARG D 120 -1.59 25.72 3.64
C ARG D 120 -0.82 26.68 4.57
N THR D 121 -0.45 26.19 5.74
CA THR D 121 0.27 27.00 6.70
C THR D 121 1.62 27.40 6.10
N ASP D 122 2.26 26.48 5.40
CA ASP D 122 3.53 26.79 4.77
C ASP D 122 3.36 27.87 3.72
N PHE D 123 2.37 27.69 2.86
CA PHE D 123 2.09 28.68 1.82
C PHE D 123 1.79 30.05 2.41
N ASP D 124 0.98 30.10 3.47
CA ASP D 124 0.63 31.37 4.09
C ASP D 124 1.86 32.04 4.67
N GLN D 125 2.75 31.23 5.23
CA GLN D 125 3.96 31.74 5.82
C GLN D 125 4.87 32.30 4.75
N VAL D 126 5.14 31.48 3.74
CA VAL D 126 5.99 31.91 2.63
C VAL D 126 5.40 33.16 1.96
N ARG D 127 4.09 33.15 1.74
CA ARG D 127 3.41 34.29 1.14
C ARG D 127 3.56 35.57 1.98
N SER D 128 3.39 35.48 3.28
CA SER D 128 3.46 36.68 4.11
C SER D 128 4.87 37.27 4.10
N LEU D 129 5.89 36.42 3.95
CA LEU D 129 7.27 36.87 3.86
C LEU D 129 7.63 37.46 2.49
N MET D 130 7.21 36.81 1.42
CA MET D 130 7.74 37.12 0.09
C MET D 130 6.89 38.10 -0.68
N GLU D 131 5.60 38.24 -0.31
CA GLU D 131 4.70 39.11 -1.06
C GLU D 131 5.10 40.59 -1.00
N ASN D 132 5.96 40.96 -0.05
CA ASN D 132 6.48 42.33 0.02
C ASN D 132 7.75 42.53 -0.82
N SER D 133 8.27 41.47 -1.42
CA SER D 133 9.47 41.57 -2.24
C SER D 133 9.11 42.11 -3.61
N ASP D 134 9.95 42.99 -4.13
CA ASP D 134 9.83 43.56 -5.48
C ASP D 134 10.79 42.90 -6.46
N ARG D 135 11.64 42.01 -5.94
CA ARG D 135 12.53 41.24 -6.78
C ARG D 135 11.65 40.40 -7.66
N CYS D 136 12.05 40.28 -8.93
CA CYS D 136 11.25 39.60 -9.92
C CYS D 136 11.25 38.09 -9.67
N GLN D 137 12.39 37.56 -9.24
CA GLN D 137 12.52 36.15 -8.87
C GLN D 137 11.63 35.74 -7.69
N ASP D 138 11.45 36.65 -6.74
CA ASP D 138 10.52 36.40 -5.63
C ASP D 138 9.07 36.34 -6.09
N ILE D 139 8.70 37.20 -7.03
CA ILE D 139 7.33 37.25 -7.55
C ILE D 139 7.03 35.98 -8.39
N ARG D 140 7.98 35.56 -9.21
CA ARG D 140 7.82 34.33 -9.95
C ARG D 140 7.61 33.17 -8.98
N ASN D 141 8.54 33.04 -8.02
CA ASN D 141 8.54 31.92 -7.08
C ASN D 141 7.24 31.79 -6.28
N LEU D 142 6.72 32.92 -5.83
CA LEU D 142 5.47 32.91 -5.06
C LEU D 142 4.33 32.47 -5.94
N ALA D 143 4.34 32.92 -7.20
CA ALA D 143 3.29 32.54 -8.14
C ALA D 143 3.33 31.04 -8.45
N PHE D 144 4.54 30.52 -8.60
CA PHE D 144 4.74 29.08 -8.81
C PHE D 144 4.23 28.28 -7.61
N LEU D 145 4.74 28.59 -6.42
CA LEU D 145 4.32 27.86 -5.23
C LEU D 145 2.81 27.84 -5.13
N GLY D 146 2.21 28.98 -5.40
CA GLY D 146 0.76 29.13 -5.33
C GLY D 146 0.01 28.27 -6.33
N ILE D 147 0.50 28.21 -7.57
CA ILE D 147 -0.12 27.33 -8.55
C ILE D 147 0.04 25.88 -8.13
N ALA D 148 1.25 25.51 -7.72
CA ALA D 148 1.56 24.15 -7.30
C ALA D 148 0.63 23.64 -6.21
N TYR D 149 0.40 24.45 -5.19
CA TYR D 149 -0.48 24.09 -4.07
C TYR D 149 -1.95 24.10 -4.49
N ASN D 150 -2.33 25.13 -5.22
CA ASN D 150 -3.71 25.29 -5.67
C ASN D 150 -4.18 24.11 -6.52
N THR D 151 -3.39 23.75 -7.53
CA THR D 151 -3.77 22.79 -8.58
C THR D 151 -3.35 21.33 -8.33
N LEU D 152 -2.35 21.14 -7.48
CA LEU D 152 -1.72 19.83 -7.33
C LEU D 152 -1.02 19.34 -8.63
N LEU D 153 -0.88 20.19 -9.64
CA LEU D 153 -0.18 19.82 -10.87
C LEU D 153 1.25 19.41 -10.55
N ARG D 154 1.79 18.51 -11.37
CA ARG D 154 3.19 18.07 -11.22
C ARG D 154 4.06 19.10 -11.87
N ILE D 155 5.32 19.18 -11.45
CA ILE D 155 6.23 20.22 -11.96
C ILE D 155 6.33 20.24 -13.50
N ALA D 156 6.37 19.07 -14.15
CA ALA D 156 6.48 19.02 -15.63
C ALA D 156 5.27 19.65 -16.32
N GLU D 157 4.10 19.48 -15.70
CA GLU D 157 2.86 20.07 -16.19
C GLU D 157 2.89 21.58 -15.99
N ILE D 158 3.35 22.04 -14.82
CA ILE D 158 3.46 23.48 -14.56
C ILE D 158 4.43 24.15 -15.53
N ALA D 159 5.52 23.47 -15.86
CA ALA D 159 6.51 24.02 -16.79
C ALA D 159 6.01 24.10 -18.24
N ARG D 160 5.07 23.23 -18.58
CA ARG D 160 4.55 23.17 -19.95
C ARG D 160 3.48 24.22 -20.22
N ILE D 161 3.02 24.92 -19.19
CA ILE D 161 1.97 25.93 -19.38
C ILE D 161 2.50 27.07 -20.23
N ARG D 162 1.68 27.53 -21.17
CA ARG D 162 2.00 28.71 -21.97
C ARG D 162 0.92 29.74 -21.65
N VAL D 163 1.18 30.99 -21.99
CA VAL D 163 0.25 32.08 -21.65
C VAL D 163 -1.16 31.80 -22.20
N LYS D 164 -1.23 31.37 -23.46
CA LYS D 164 -2.49 31.06 -24.15
C LYS D 164 -3.31 29.94 -23.52
N ASP D 165 -2.70 29.11 -22.68
CA ASP D 165 -3.43 28.09 -21.94
C ASP D 165 -4.24 28.67 -20.78
N ILE D 166 -4.02 29.96 -20.50
CA ILE D 166 -4.70 30.65 -19.39
C ILE D 166 -5.94 31.38 -19.86
N SER D 167 -7.08 30.97 -19.33
CA SER D 167 -8.37 31.62 -19.60
C SER D 167 -8.85 32.31 -18.31
N ARG D 168 -10.16 32.53 -18.17
CA ARG D 168 -10.73 33.19 -16.99
C ARG D 168 -12.16 32.75 -16.67
N THR D 169 -12.59 32.97 -15.42
CA THR D 169 -13.99 32.78 -15.06
C THR D 169 -14.71 34.13 -15.09
N ASP D 170 -16.03 34.06 -14.96
CA ASP D 170 -16.84 35.26 -14.83
C ASP D 170 -16.33 36.04 -13.63
N GLY D 171 -16.14 35.34 -12.49
CA GLY D 171 -15.66 35.93 -11.24
C GLY D 171 -14.26 36.54 -11.28
N GLY D 172 -13.48 36.22 -12.31
CA GLY D 172 -12.14 36.78 -12.50
C GLY D 172 -11.03 35.79 -12.18
N ARG D 173 -11.41 34.62 -11.66
CA ARG D 173 -10.46 33.56 -11.33
C ARG D 173 -9.80 32.98 -12.57
N MET D 174 -8.48 32.78 -12.52
CA MET D 174 -7.75 32.19 -13.65
C MET D 174 -8.04 30.70 -13.80
N LEU D 175 -8.18 30.24 -15.03
CA LEU D 175 -8.30 28.82 -15.33
C LEU D 175 -7.16 28.40 -16.26
N ILE D 176 -6.47 27.33 -15.89
CA ILE D 176 -5.35 26.84 -16.71
C ILE D 176 -5.71 25.51 -17.33
N HIS D 177 -5.57 25.42 -18.65
CA HIS D 177 -5.84 24.18 -19.36
C HIS D 177 -4.59 23.35 -19.42
N ILE D 178 -4.73 22.08 -19.06
CA ILE D 178 -3.61 21.14 -19.09
C ILE D 178 -3.96 20.02 -20.07
N GLY D 179 -3.13 19.87 -21.10
CA GLY D 179 -3.22 18.76 -22.03
C GLY D 179 -2.72 17.48 -21.37
N ARG D 180 -1.41 17.25 -21.46
CA ARG D 180 -0.80 15.98 -21.04
C ARG D 180 -0.40 15.91 -19.56
N THR D 181 -0.74 14.81 -18.91
CA THR D 181 -0.24 14.46 -17.57
C THR D 181 0.48 13.09 -17.60
N LYS D 182 0.81 12.57 -16.42
CA LYS D 182 1.38 11.22 -16.31
C LYS D 182 0.33 10.15 -16.67
N THR D 183 -0.90 10.35 -16.20
CA THR D 183 -1.97 9.36 -16.37
C THR D 183 -2.79 9.51 -17.66
N LEU D 184 -2.89 10.71 -18.23
CA LEU D 184 -3.74 10.95 -19.43
C LEU D 184 -3.01 11.64 -20.59
N VAL D 185 -3.39 11.27 -21.82
CA VAL D 185 -2.91 11.95 -23.03
C VAL D 185 -4.06 12.14 -24.01
N SER D 186 -4.83 13.23 -23.81
CA SER D 186 -5.97 13.56 -24.68
C SER D 186 -6.03 15.07 -25.03
N THR D 187 -6.77 15.37 -26.08
CA THR D 187 -6.96 16.75 -26.58
C THR D 187 -8.04 17.51 -25.80
N ALA D 188 -8.86 16.78 -25.05
CA ALA D 188 -9.75 17.39 -24.08
C ALA D 188 -8.89 17.93 -22.95
N GLY D 189 -8.17 17.02 -22.29
CA GLY D 189 -7.39 17.37 -21.12
C GLY D 189 -8.28 17.76 -19.95
N VAL D 190 -7.68 18.45 -18.99
CA VAL D 190 -8.37 18.90 -17.77
C VAL D 190 -8.14 20.41 -17.60
N GLU D 191 -9.03 21.10 -16.88
CA GLU D 191 -8.80 22.52 -16.54
C GLU D 191 -8.77 22.75 -15.03
N LYS D 192 -7.93 23.70 -14.62
CA LYS D 192 -7.57 23.89 -13.22
C LYS D 192 -7.86 25.33 -12.76
N ALA D 193 -8.73 25.46 -11.77
CA ALA D 193 -9.18 26.74 -11.27
C ALA D 193 -8.20 27.29 -10.22
N LEU D 194 -7.96 28.60 -10.26
CA LEU D 194 -7.13 29.31 -9.27
C LEU D 194 -7.98 30.25 -8.42
N SER D 195 -7.73 30.27 -7.11
CA SER D 195 -8.40 31.22 -6.19
C SER D 195 -8.06 32.65 -6.58
N LEU D 196 -8.80 33.63 -6.07
CA LEU D 196 -8.52 35.05 -6.37
C LEU D 196 -7.13 35.47 -5.85
N GLY D 197 -6.77 34.96 -4.67
CA GLY D 197 -5.46 35.21 -4.09
C GLY D 197 -4.34 34.72 -4.98
N VAL D 198 -4.36 33.44 -5.34
CA VAL D 198 -3.31 32.90 -6.21
C VAL D 198 -3.33 33.59 -7.58
N THR D 199 -4.52 33.96 -8.05
CA THR D 199 -4.68 34.63 -9.35
C THR D 199 -3.88 35.93 -9.37
N LYS D 200 -4.02 36.71 -8.30
CA LYS D 200 -3.29 37.97 -8.15
C LYS D 200 -1.78 37.75 -8.19
N LEU D 201 -1.31 36.73 -7.48
CA LEU D 201 0.11 36.42 -7.45
C LEU D 201 0.61 36.18 -8.87
N VAL D 202 -0.21 35.49 -9.66
CA VAL D 202 0.13 35.19 -11.05
C VAL D 202 0.11 36.44 -11.92
N GLU D 203 -0.96 37.22 -11.82
CA GLU D 203 -1.06 38.51 -12.54
C GLU D 203 0.19 39.34 -12.28
N ARG D 204 0.53 39.52 -11.02
CA ARG D 204 1.73 40.28 -10.68
C ARG D 204 2.97 39.76 -11.39
N TRP D 205 3.12 38.44 -11.46
CA TRP D 205 4.26 37.83 -12.15
C TRP D 205 4.26 38.16 -13.66
N ILE D 206 3.09 38.04 -14.28
CA ILE D 206 2.96 38.34 -15.71
C ILE D 206 3.37 39.79 -15.95
N SER D 207 2.87 40.67 -15.10
CA SER D 207 3.15 42.10 -15.19
C SER D 207 4.63 42.45 -15.08
N VAL D 208 5.34 41.83 -14.15
CA VAL D 208 6.76 42.20 -13.92
C VAL D 208 7.72 41.51 -14.90
N SER D 209 7.30 40.41 -15.50
CA SER D 209 8.18 39.61 -16.34
C SER D 209 8.06 40.03 -17.80
N GLY D 210 6.82 40.21 -18.25
CA GLY D 210 6.53 40.46 -19.66
C GLY D 210 6.37 39.18 -20.46
N VAL D 211 5.91 38.11 -19.81
CA VAL D 211 5.67 36.84 -20.51
C VAL D 211 4.48 36.89 -21.46
N ALA D 212 3.58 37.85 -21.27
CA ALA D 212 2.37 37.95 -22.12
C ALA D 212 2.61 38.69 -23.46
N ASP D 213 3.85 38.99 -23.80
CA ASP D 213 4.14 39.54 -25.14
C ASP D 213 3.69 38.56 -26.23
N ASP D 214 4.02 37.28 -26.04
CA ASP D 214 3.61 36.23 -26.96
C ASP D 214 2.67 35.27 -26.22
N PRO D 215 1.43 35.06 -26.74
CA PRO D 215 0.58 34.02 -26.15
C PRO D 215 1.23 32.63 -26.09
N ASN D 216 2.28 32.41 -26.89
CA ASN D 216 3.02 31.14 -26.93
C ASN D 216 4.24 31.07 -26.02
N ASN D 217 4.63 32.20 -25.43
CA ASN D 217 5.61 32.18 -24.34
C ASN D 217 5.14 31.27 -23.18
N TYR D 218 6.06 30.51 -22.59
CA TYR D 218 5.76 29.71 -21.40
C TYR D 218 5.51 30.66 -20.24
N LEU D 219 4.46 30.39 -19.47
CA LEU D 219 4.13 31.22 -18.30
C LEU D 219 5.35 31.47 -17.40
N PHE D 220 6.13 30.42 -17.13
CA PHE D 220 7.30 30.52 -16.30
C PHE D 220 8.59 30.43 -17.11
N CYS D 221 9.52 31.31 -16.77
CA CYS D 221 10.81 31.39 -17.41
C CYS D 221 11.87 31.76 -16.39
N ARG D 222 13.13 31.71 -16.81
CA ARG D 222 14.25 32.03 -15.93
C ARG D 222 14.34 33.53 -15.64
N VAL D 223 15.02 33.87 -14.55
CA VAL D 223 15.29 35.27 -14.20
C VAL D 223 16.75 35.39 -13.79
N ARG D 224 17.49 36.29 -14.45
CA ARG D 224 18.94 36.35 -14.25
C ARG D 224 19.28 37.22 -13.05
N LYS D 225 20.55 37.23 -12.65
CA LYS D 225 20.92 37.87 -11.37
C LYS D 225 20.50 39.33 -11.21
N ASN D 226 20.15 40.00 -12.31
CA ASN D 226 19.74 41.41 -12.27
C ASN D 226 18.22 41.60 -12.30
N GLY D 227 17.49 40.52 -12.07
CA GLY D 227 16.04 40.60 -11.96
C GLY D 227 15.30 40.82 -13.25
N VAL D 228 15.95 40.50 -14.37
CA VAL D 228 15.32 40.63 -15.69
C VAL D 228 14.85 39.26 -16.18
N ALA D 229 13.55 39.12 -16.41
CA ALA D 229 13.01 37.84 -16.88
C ALA D 229 13.45 37.58 -18.31
N ALA D 230 13.45 36.31 -18.72
CA ALA D 230 13.82 35.90 -20.08
C ALA D 230 12.72 35.04 -20.68
N PRO D 231 11.59 35.65 -21.05
CA PRO D 231 10.52 34.85 -21.64
C PRO D 231 10.97 34.08 -22.86
N SER D 232 10.42 32.90 -23.06
CA SER D 232 10.71 32.07 -24.23
C SER D 232 9.48 31.27 -24.60
N ALA D 233 9.28 31.03 -25.90
CA ALA D 233 8.20 30.19 -26.38
C ALA D 233 8.70 28.83 -26.85
N THR D 234 10.01 28.59 -26.74
CA THR D 234 10.62 27.33 -27.18
C THR D 234 11.48 26.61 -26.14
N SER D 235 11.95 27.32 -25.12
CA SER D 235 12.63 26.70 -23.98
C SER D 235 11.83 26.98 -22.70
N GLN D 236 11.58 25.94 -21.90
CA GLN D 236 10.83 26.12 -20.67
C GLN D 236 11.72 26.12 -19.43
N LEU D 237 11.20 26.70 -18.35
CA LEU D 237 11.92 26.67 -17.07
C LEU D 237 11.99 25.21 -16.66
N SER D 238 13.21 24.72 -16.45
CA SER D 238 13.39 23.30 -16.23
C SER D 238 12.74 22.84 -14.91
N THR D 239 12.31 21.59 -14.90
CA THR D 239 11.72 20.99 -13.72
C THR D 239 12.77 20.92 -12.59
N ARG D 240 14.05 20.90 -12.95
CA ARG D 240 15.11 20.97 -11.95
C ARG D 240 15.15 22.33 -11.23
N ALA D 241 14.91 23.41 -11.96
CA ALA D 241 14.80 24.73 -11.37
C ALA D 241 13.52 24.84 -10.54
N LEU D 242 12.43 24.25 -11.00
CA LEU D 242 11.21 24.22 -10.19
C LEU D 242 11.45 23.51 -8.86
N GLU D 243 12.26 22.46 -8.90
CA GLU D 243 12.63 21.76 -7.68
C GLU D 243 13.42 22.70 -6.79
N GLY D 244 14.38 23.39 -7.38
CA GLY D 244 15.17 24.39 -6.69
C GLY D 244 14.38 25.47 -5.98
N ILE D 245 13.32 25.98 -6.61
CA ILE D 245 12.46 26.96 -5.97
C ILE D 245 11.92 26.36 -4.65
N PHE D 246 11.35 25.16 -4.73
CA PHE D 246 10.84 24.48 -3.54
C PHE D 246 11.92 24.36 -2.48
N GLU D 247 13.13 24.01 -2.90
CA GLU D 247 14.24 23.80 -1.99
C GLU D 247 14.76 25.13 -1.41
N ALA D 248 14.73 26.18 -2.22
CA ALA D 248 15.22 27.48 -1.80
C ALA D 248 14.22 28.04 -0.80
N THR D 249 12.93 27.84 -1.07
CA THR D 249 11.89 28.32 -0.17
C THR D 249 11.99 27.65 1.21
N HIS D 250 12.25 26.36 1.22
CA HIS D 250 12.45 25.67 2.50
C HIS D 250 13.64 26.22 3.28
N ARG D 251 14.75 26.44 2.57
CA ARG D 251 15.98 26.93 3.16
C ARG D 251 15.78 28.35 3.74
N LEU D 252 15.07 29.19 3.00
CA LEU D 252 14.69 30.51 3.45
C LEU D 252 14.10 30.45 4.85
N ILE D 253 13.16 29.51 5.07
CA ILE D 253 12.46 29.45 6.34
C ILE D 253 13.13 28.57 7.40
N TYR D 254 13.83 27.53 7.00
CA TYR D 254 14.33 26.53 7.96
C TYR D 254 15.82 26.36 8.00
N GLY D 255 16.55 26.99 7.07
CA GLY D 255 18.00 26.87 7.04
C GLY D 255 18.48 25.64 6.26
N ALA D 256 19.77 25.32 6.40
CA ALA D 256 20.40 24.29 5.59
C ALA D 256 20.00 22.90 6.07
N LYS D 257 20.02 21.94 5.16
CA LYS D 257 19.70 20.54 5.47
C LYS D 257 20.83 19.87 6.21
N ASP D 258 20.51 18.74 6.84
CA ASP D 258 21.50 17.76 7.32
C ASP D 258 22.58 17.46 6.28
N ASP D 259 23.64 16.78 6.72
CA ASP D 259 24.59 16.13 5.81
C ASP D 259 24.40 14.59 5.83
N SER D 260 23.19 14.15 6.21
CA SER D 260 22.84 12.73 6.25
C SER D 260 22.83 12.08 4.87
N GLY D 261 22.43 12.83 3.85
CA GLY D 261 22.36 12.33 2.48
C GLY D 261 20.97 11.88 2.05
N GLN D 262 20.02 11.85 2.98
CA GLN D 262 18.68 11.34 2.69
C GLN D 262 17.83 12.29 1.84
N ARG D 263 16.92 11.70 1.06
CA ARG D 263 15.97 12.47 0.25
C ARG D 263 14.87 13.00 1.14
N TYR D 264 14.16 14.01 0.64
CA TYR D 264 12.96 14.53 1.29
C TYR D 264 13.22 15.29 2.60
N LEU D 265 14.43 15.80 2.76
CA LEU D 265 14.78 16.67 3.90
C LEU D 265 14.29 18.12 3.73
N ALA D 266 13.91 18.49 2.50
CA ALA D 266 13.37 19.82 2.24
C ALA D 266 12.23 19.63 1.26
N TRP D 267 11.44 20.66 1.04
CA TRP D 267 10.37 20.57 0.05
C TRP D 267 10.89 20.19 -1.36
N SER D 268 10.06 19.51 -2.15
CA SER D 268 10.44 19.06 -3.50
C SER D 268 9.25 19.21 -4.44
N GLY D 269 9.39 18.70 -5.67
CA GLY D 269 8.40 18.92 -6.70
C GLY D 269 7.03 18.40 -6.36
N HIS D 270 6.99 17.34 -5.54
CA HIS D 270 5.74 16.69 -5.15
C HIS D 270 5.21 17.12 -3.78
N SER D 271 5.89 18.08 -3.15
CA SER D 271 5.53 18.50 -1.81
C SER D 271 4.16 19.16 -1.73
N ALA D 272 3.76 19.90 -2.75
CA ALA D 272 2.44 20.55 -2.78
C ALA D 272 1.26 19.54 -2.89
N ARG D 273 1.45 18.46 -3.66
CA ARG D 273 0.45 17.38 -3.72
C ARG D 273 0.29 16.69 -2.37
N VAL D 274 1.37 16.16 -1.81
CA VAL D 274 1.26 15.48 -0.51
C VAL D 274 0.53 16.39 0.49
N GLY D 275 0.85 17.68 0.45
CA GLY D 275 0.32 18.65 1.42
C GLY D 275 -1.10 19.13 1.17
N ALA D 276 -1.49 19.30 -0.08
CA ALA D 276 -2.86 19.70 -0.43
C ALA D 276 -3.84 18.55 -0.12
N ALA D 277 -3.38 17.31 -0.36
CA ALA D 277 -4.13 16.13 0.04
C ALA D 277 -4.42 16.21 1.53
N ARG D 278 -3.37 16.16 2.35
CA ARG D 278 -3.53 16.26 3.81
C ARG D 278 -4.49 17.37 4.27
N ASP D 279 -4.42 18.52 3.59
CA ASP D 279 -5.22 19.67 3.98
C ASP D 279 -6.70 19.43 3.71
N MET D 280 -7.02 18.86 2.55
CA MET D 280 -8.39 18.50 2.21
C MET D 280 -8.99 17.48 3.20
N ALA D 281 -8.32 16.35 3.38
CA ALA D 281 -8.73 15.38 4.38
C ALA D 281 -9.03 16.08 5.70
N ARG D 282 -8.02 16.76 6.25
CA ARG D 282 -8.15 17.54 7.49
C ARG D 282 -9.35 18.50 7.49
N ALA D 283 -9.77 18.97 6.31
CA ALA D 283 -10.91 19.88 6.19
C ALA D 283 -12.22 19.14 5.95
N GLY D 284 -12.19 17.81 6.00
CA GLY D 284 -13.38 17.00 5.73
C GLY D 284 -13.88 17.03 4.30
N VAL D 285 -13.04 17.45 3.35
CA VAL D 285 -13.38 17.32 1.91
C VAL D 285 -13.52 15.83 1.64
N SER D 286 -14.43 15.48 0.72
CA SER D 286 -14.78 14.08 0.48
C SER D 286 -13.63 13.38 -0.21
N ILE D 287 -13.47 12.09 0.08
CA ILE D 287 -12.43 11.25 -0.54
C ILE D 287 -12.49 11.29 -2.07
N PRO D 288 -13.70 11.20 -2.67
CA PRO D 288 -13.83 11.41 -4.12
C PRO D 288 -13.36 12.79 -4.62
N GLU D 289 -13.58 13.83 -3.83
CA GLU D 289 -13.18 15.19 -4.25
C GLU D 289 -11.67 15.39 -4.24
N ILE D 290 -11.02 14.87 -3.20
CA ILE D 290 -9.57 14.84 -3.13
C ILE D 290 -9.03 14.17 -4.40
N MET D 291 -9.54 12.97 -4.71
CA MET D 291 -9.20 12.28 -5.95
C MET D 291 -9.39 13.16 -7.18
N GLN D 292 -10.56 13.78 -7.28
CA GLN D 292 -10.84 14.68 -8.39
C GLN D 292 -9.76 15.75 -8.51
N ALA D 293 -9.33 16.31 -7.37
CA ALA D 293 -8.45 17.49 -7.34
C ALA D 293 -7.02 17.23 -7.78
N GLY D 294 -6.47 16.08 -7.41
CA GLY D 294 -5.08 15.73 -7.74
C GLY D 294 -4.98 14.65 -8.80
N GLY D 295 -5.92 14.67 -9.76
CA GLY D 295 -5.91 13.76 -10.91
C GLY D 295 -6.05 12.26 -10.67
N TRP D 296 -6.19 11.85 -9.41
CA TRP D 296 -6.27 10.43 -9.08
C TRP D 296 -7.63 9.82 -9.41
N THR D 297 -7.63 8.82 -10.28
CA THR D 297 -8.84 8.06 -10.55
C THR D 297 -8.92 6.83 -9.63
N ASN D 298 -8.21 6.85 -8.50
CA ASN D 298 -8.38 5.83 -7.44
C ASN D 298 -7.70 6.12 -6.10
N VAL D 299 -8.35 5.66 -5.03
CA VAL D 299 -8.00 5.93 -3.64
C VAL D 299 -6.51 5.91 -3.24
N ASN D 300 -5.90 4.73 -3.23
CA ASN D 300 -4.59 4.43 -2.57
C ASN D 300 -3.57 5.52 -2.24
N ILE D 301 -3.00 6.15 -3.27
CA ILE D 301 -1.92 7.11 -3.06
C ILE D 301 -2.37 8.19 -2.07
N VAL D 302 -3.62 8.66 -2.21
CA VAL D 302 -4.22 9.58 -1.24
C VAL D 302 -4.10 9.05 0.19
N MET D 303 -4.34 7.76 0.36
CA MET D 303 -4.33 7.14 1.69
C MET D 303 -2.95 7.22 2.35
N ASN D 304 -1.91 6.89 1.60
CA ASN D 304 -0.54 6.96 2.11
C ASN D 304 -0.16 8.37 2.54
N TYR D 305 -0.61 9.36 1.78
CA TYR D 305 -0.37 10.77 2.11
C TYR D 305 -1.14 11.24 3.35
N ILE D 306 -2.32 10.67 3.61
CA ILE D 306 -3.21 11.12 4.69
C ILE D 306 -2.93 10.45 6.05
N ARG D 307 -2.06 9.45 6.07
CA ARG D 307 -1.73 8.76 7.33
C ARG D 307 -0.79 9.59 8.19
N GLY D 314 -6.46 10.18 17.00
CA GLY D 314 -6.74 9.07 17.89
C GLY D 314 -8.19 8.61 17.79
N MET D 316 -10.73 6.57 18.10
CA MET D 316 -11.00 5.45 18.99
C MET D 316 -10.74 5.82 20.45
N VAL D 317 -9.65 6.53 20.69
CA VAL D 317 -9.32 7.07 22.00
C VAL D 317 -10.35 8.14 22.38
N ARG D 318 -10.79 8.88 21.36
CA ARG D 318 -11.84 9.88 21.51
C ARG D 318 -13.11 9.19 22.02
N LEU D 319 -13.37 8.01 21.46
CA LEU D 319 -14.56 7.24 21.78
C LEU D 319 -14.44 6.53 23.13
N LEU D 320 -13.27 5.97 23.43
CA LEU D 320 -13.07 5.16 24.65
C LEU D 320 -13.27 5.93 25.95
N GLU D 321 -13.32 7.26 25.85
CA GLU D 321 -13.46 8.14 27.01
C GLU D 321 -14.91 8.62 27.15
N ASP D 322 -15.65 7.97 28.06
CA ASP D 322 -17.06 8.27 28.33
C ASP D 322 -17.92 8.18 27.08
#